data_3IP6
#
_entry.id   3IP6
#
_cell.length_a   119.230
_cell.length_b   43.020
_cell.length_c   66.300
_cell.angle_alpha   90.00
_cell.angle_beta   109.66
_cell.angle_gamma   90.00
#
_symmetry.space_group_name_H-M   'C 1 2 1'
#
loop_
_entity.id
_entity.type
_entity.pdbx_description
1 polymer 'ABC transporter, substrate binding protein (Amino acid)'
2 non-polymer PROLINE
3 non-polymer 'SULFATE ION'
4 water water
#
_entity_poly.entity_id   1
_entity_poly.type   'polypeptide(L)'
_entity_poly.pdbx_seq_one_letter_code
;MDVVIAVGAPLTGPNAAFGAQIQKGAEQAAKDINAAGGINGEQIKIVLGDDVSDPKQGISVANKFVADGVKFVVGHFNSG
VSIPASEVYAENGILEITPAATNPVFTERGLWNTFRTCGRDDQQGGIAGKYLADHFKDAKVAIIHDKTPYGQGLADETKK
AANAAGVTEVMYEGVNVGDKDFSALISKMKEAGVSIIYWGGLHTEAGLIIRQAADQGLKAKLVSGDGIVSNELASIAGDA
VEGTLNTFGPDPTLRPENKELVEKFKAAGFNPEAYTLYSYAAMQAIAGAAKAAGSVEPEKVAEALKKGSFPTALGEISFD
EKGDPKLPGYVMYEWKKGPDGKFTYIQQGSHHHHHH
;
_entity_poly.pdbx_strand_id   A
#
# COMPACT_ATOMS: atom_id res chain seq x y z
N MET A 1 13.05 -29.27 -4.83
CA MET A 1 13.42 -28.40 -3.72
C MET A 1 12.41 -27.27 -3.60
N ASP A 2 11.92 -27.03 -2.38
CA ASP A 2 10.90 -26.01 -2.18
C ASP A 2 11.40 -24.64 -2.63
N VAL A 3 10.50 -23.84 -3.16
CA VAL A 3 10.82 -22.46 -3.51
C VAL A 3 10.54 -21.62 -2.28
N VAL A 4 11.59 -21.02 -1.73
CA VAL A 4 11.45 -20.26 -0.49
C VAL A 4 11.06 -18.80 -0.77
N ILE A 5 9.86 -18.44 -0.32
CA ILE A 5 9.31 -17.10 -0.54
C ILE A 5 9.01 -16.44 0.79
N ALA A 6 9.51 -15.23 0.97
CA ALA A 6 9.35 -14.51 2.20
C ALA A 6 8.25 -13.47 2.14
N VAL A 7 7.55 -13.32 3.25
CA VAL A 7 6.69 -12.17 3.48
C VAL A 7 7.40 -11.24 4.46
N GLY A 8 7.79 -10.07 3.97
CA GLY A 8 8.40 -9.06 4.80
C GLY A 8 7.37 -7.97 5.02
N ALA A 9 6.99 -7.72 6.25
CA ALA A 9 5.85 -6.87 6.49
C ALA A 9 5.82 -6.40 7.93
N PRO A 10 5.03 -5.36 8.21
CA PRO A 10 4.83 -4.89 9.60
C PRO A 10 3.84 -5.82 10.32
N LEU A 11 4.31 -6.93 10.86
CA LEU A 11 3.41 -7.89 11.49
C LEU A 11 3.03 -7.40 12.89
N THR A 12 3.87 -6.53 13.43
CA THR A 12 3.57 -5.80 14.67
C THR A 12 3.83 -4.30 14.48
N GLY A 13 3.52 -3.52 15.51
CA GLY A 13 3.68 -2.07 15.42
C GLY A 13 2.43 -1.41 14.87
N PRO A 14 2.53 -0.11 14.56
CA PRO A 14 1.32 0.66 14.24
C PRO A 14 0.57 0.13 13.03
N ASN A 15 1.29 -0.53 12.13
CA ASN A 15 0.71 -0.99 10.86
C ASN A 15 0.45 -2.49 10.78
N ALA A 16 0.30 -3.09 11.95
CA ALA A 16 0.09 -4.52 12.07
C ALA A 16 -1.12 -5.00 11.25
N ALA A 17 -2.17 -4.18 11.16
CA ALA A 17 -3.34 -4.54 10.39
C ALA A 17 -2.96 -4.70 8.91
N PHE A 18 -2.09 -3.84 8.43
CA PHE A 18 -1.60 -3.95 7.06
C PHE A 18 -0.67 -5.15 6.90
N GLY A 19 0.11 -5.43 7.94
CA GLY A 19 0.96 -6.62 7.96
C GLY A 19 0.13 -7.87 7.81
N ALA A 20 -1.00 -7.90 8.50
CA ALA A 20 -1.91 -9.06 8.42
C ALA A 20 -2.51 -9.21 7.03
N GLN A 21 -2.94 -8.10 6.43
CA GLN A 21 -3.40 -8.13 5.03
C GLN A 21 -2.37 -8.80 4.15
N ILE A 22 -1.12 -8.35 4.24
CA ILE A 22 -0.08 -8.86 3.37
C ILE A 22 0.24 -10.34 3.68
N GLN A 23 0.37 -10.68 4.96
CA GLN A 23 0.63 -12.06 5.36
C GLN A 23 -0.49 -13.01 4.92
N LYS A 24 -1.74 -12.66 5.22
CA LYS A 24 -2.85 -13.55 4.91
C LYS A 24 -3.00 -13.73 3.40
N GLY A 25 -2.83 -12.65 2.64
CA GLY A 25 -2.92 -12.75 1.19
C GLY A 25 -1.86 -13.64 0.56
N ALA A 26 -0.62 -13.48 1.01
CA ALA A 26 0.48 -14.27 0.47
C ALA A 26 0.38 -15.73 0.89
N GLU A 27 -0.01 -15.96 2.15
CA GLU A 27 -0.13 -17.33 2.63
C GLU A 27 -1.22 -18.10 1.87
N GLN A 28 -2.35 -17.45 1.60
CA GLN A 28 -3.44 -18.12 0.90
C GLN A 28 -3.03 -18.39 -0.54
N ALA A 29 -2.38 -17.43 -1.18
CA ALA A 29 -1.92 -17.67 -2.54
C ALA A 29 -0.96 -18.84 -2.61
N ALA A 30 -0.04 -18.91 -1.67
CA ALA A 30 0.90 -20.04 -1.61
C ALA A 30 0.15 -21.36 -1.46
N LYS A 31 -0.83 -21.40 -0.56
CA LYS A 31 -1.61 -22.61 -0.37
C LYS A 31 -2.32 -23.02 -1.67
N ASP A 32 -2.96 -22.04 -2.32
CA ASP A 32 -3.68 -22.30 -3.58
C ASP A 32 -2.73 -22.76 -4.70
N ILE A 33 -1.60 -22.09 -4.85
CA ILE A 33 -0.63 -22.48 -5.88
C ILE A 33 -0.07 -23.88 -5.62
N ASN A 34 0.27 -24.16 -4.36
CA ASN A 34 0.74 -25.47 -3.96
C ASN A 34 -0.26 -26.59 -4.30
N ALA A 35 -1.54 -26.35 -3.99
CA ALA A 35 -2.60 -27.33 -4.29
C ALA A 35 -2.72 -27.57 -5.78
N ALA A 36 -2.28 -26.61 -6.57
CA ALA A 36 -2.35 -26.73 -8.03
C ALA A 36 -1.07 -27.32 -8.61
N GLY A 37 -0.14 -27.68 -7.73
CA GLY A 37 1.08 -28.36 -8.14
C GLY A 37 2.35 -27.58 -7.85
N GLY A 38 2.21 -26.39 -7.26
CA GLY A 38 3.36 -25.55 -6.97
C GLY A 38 3.83 -24.71 -8.14
N ILE A 39 5.03 -24.18 -8.02
CA ILE A 39 5.64 -23.42 -9.11
C ILE A 39 6.62 -24.32 -9.85
N ASN A 40 6.31 -24.59 -11.11
CA ASN A 40 7.14 -25.49 -11.91
C ASN A 40 7.40 -26.80 -11.18
N GLY A 41 6.36 -27.34 -10.55
CA GLY A 41 6.46 -28.63 -9.89
C GLY A 41 6.98 -28.59 -8.45
N GLU A 42 7.44 -27.42 -8.02
CA GLU A 42 8.03 -27.27 -6.69
CA GLU A 42 8.02 -27.30 -6.69
C GLU A 42 7.10 -26.55 -5.73
N GLN A 43 7.01 -27.04 -4.50
CA GLN A 43 6.13 -26.41 -3.52
C GLN A 43 6.75 -25.12 -3.01
N ILE A 44 5.90 -24.17 -2.65
CA ILE A 44 6.32 -22.94 -2.01
C ILE A 44 6.43 -23.14 -0.50
N LYS A 45 7.52 -22.65 0.08
CA LYS A 45 7.67 -22.60 1.53
C LYS A 45 7.72 -21.14 1.95
N ILE A 46 6.78 -20.75 2.83
CA ILE A 46 6.70 -19.35 3.27
C ILE A 46 7.54 -19.11 4.53
N VAL A 47 8.30 -18.02 4.52
CA VAL A 47 8.98 -17.57 5.73
C VAL A 47 8.50 -16.16 6.03
N LEU A 48 8.45 -15.80 7.32
CA LEU A 48 7.92 -14.51 7.71
C LEU A 48 8.99 -13.63 8.34
N GLY A 49 8.89 -12.33 8.11
CA GLY A 49 9.76 -11.40 8.81
C GLY A 49 9.02 -10.13 9.17
N ASP A 50 9.10 -9.75 10.43
CA ASP A 50 8.37 -8.59 10.96
C ASP A 50 9.28 -7.37 10.98
N ASP A 51 8.97 -6.38 10.13
CA ASP A 51 9.78 -5.16 10.06
C ASP A 51 9.36 -4.05 11.01
N VAL A 52 8.21 -4.21 11.65
CA VAL A 52 7.67 -3.24 12.62
C VAL A 52 7.62 -1.82 12.04
N SER A 53 7.50 -1.73 10.71
CA SER A 53 7.53 -0.44 10.01
C SER A 53 8.75 0.40 10.40
N ASP A 54 9.84 -0.27 10.72
CA ASP A 54 11.05 0.40 11.19
C ASP A 54 12.16 0.03 10.22
N PRO A 55 12.68 1.01 9.45
CA PRO A 55 13.72 0.66 8.46
C PRO A 55 14.86 -0.16 9.04
N LYS A 56 15.31 0.14 10.26
CA LYS A 56 16.39 -0.60 10.88
C LYS A 56 16.05 -2.08 11.08
N GLN A 57 14.84 -2.35 11.56
CA GLN A 57 14.42 -3.73 11.79
C GLN A 57 14.11 -4.44 10.47
N GLY A 58 13.63 -3.68 9.49
CA GLY A 58 13.49 -4.19 8.13
C GLY A 58 14.80 -4.70 7.55
N ILE A 59 15.89 -4.01 7.85
CA ILE A 59 17.21 -4.45 7.37
C ILE A 59 17.63 -5.75 8.06
N SER A 60 17.34 -5.88 9.35
CA SER A 60 17.61 -7.14 10.03
C SER A 60 16.82 -8.29 9.43
N VAL A 61 15.54 -8.04 9.12
CA VAL A 61 14.70 -9.01 8.43
C VAL A 61 15.29 -9.42 7.09
N ALA A 62 15.72 -8.44 6.30
CA ALA A 62 16.30 -8.76 5.00
C ALA A 62 17.51 -9.69 5.14
N ASN A 63 18.36 -9.41 6.11
CA ASN A 63 19.49 -10.30 6.40
C ASN A 63 19.06 -11.72 6.75
N LYS A 64 18.07 -11.84 7.64
CA LYS A 64 17.53 -13.15 8.02
C LYS A 64 17.04 -13.92 6.79
N PHE A 65 16.34 -13.20 5.90
CA PHE A 65 15.82 -13.78 4.67
C PHE A 65 16.96 -14.31 3.80
N VAL A 66 18.02 -13.51 3.62
CA VAL A 66 19.16 -13.99 2.83
C VAL A 66 19.74 -15.27 3.43
N ALA A 67 19.96 -15.26 4.74
CA ALA A 67 20.53 -16.43 5.42
C ALA A 67 19.67 -17.69 5.27
N ASP A 68 18.36 -17.48 5.14
CA ASP A 68 17.42 -18.59 5.14
C ASP A 68 17.17 -19.12 3.73
N GLY A 69 17.92 -18.60 2.76
CA GLY A 69 17.81 -19.06 1.39
C GLY A 69 16.58 -18.55 0.67
N VAL A 70 16.00 -17.47 1.16
CA VAL A 70 14.91 -16.82 0.47
C VAL A 70 15.29 -16.47 -0.97
N LYS A 71 14.38 -16.72 -1.91
CA LYS A 71 14.56 -16.36 -3.31
C LYS A 71 13.67 -15.20 -3.78
N PHE A 72 12.50 -15.07 -3.18
CA PHE A 72 11.53 -14.03 -3.54
C PHE A 72 10.97 -13.43 -2.28
N VAL A 73 10.74 -12.11 -2.28
CA VAL A 73 10.12 -11.44 -1.15
C VAL A 73 8.86 -10.75 -1.65
N VAL A 74 7.74 -11.09 -1.02
CA VAL A 74 6.54 -10.28 -1.15
C VAL A 74 6.54 -9.27 0.00
N GLY A 75 6.73 -7.99 -0.33
CA GLY A 75 6.83 -6.96 0.69
C GLY A 75 7.74 -5.85 0.19
N HIS A 76 8.02 -4.87 1.02
CA HIS A 76 7.43 -4.72 2.34
C HIS A 76 6.21 -3.80 2.20
N PHE A 77 5.74 -3.21 3.28
CA PHE A 77 4.57 -2.32 3.24
C PHE A 77 5.01 -0.86 3.08
N ASN A 78 5.91 -0.43 3.97
CA ASN A 78 6.39 0.94 4.02
C ASN A 78 7.50 1.20 3.01
N SER A 79 7.42 2.31 2.30
CA SER A 79 8.46 2.66 1.32
C SER A 79 9.81 2.82 1.98
N GLY A 80 9.83 3.39 3.18
CA GLY A 80 11.07 3.62 3.89
C GLY A 80 11.74 2.33 4.36
N VAL A 81 10.96 1.26 4.45
CA VAL A 81 11.51 -0.05 4.74
C VAL A 81 11.92 -0.74 3.43
N SER A 82 11.01 -0.73 2.47
CA SER A 82 11.23 -1.42 1.19
C SER A 82 12.44 -0.90 0.40
N ILE A 83 12.71 0.41 0.44
CA ILE A 83 13.77 0.94 -0.39
C ILE A 83 15.13 0.43 0.10
N PRO A 84 15.45 0.61 1.39
CA PRO A 84 16.72 0.04 1.84
C PRO A 84 16.79 -1.49 1.79
N ALA A 85 15.70 -2.17 2.13
CA ALA A 85 15.73 -3.63 2.08
C ALA A 85 15.98 -4.12 0.64
N SER A 86 15.43 -3.43 -0.35
CA SER A 86 15.55 -3.87 -1.74
C SER A 86 17.00 -3.90 -2.22
N GLU A 87 17.86 -3.08 -1.60
CA GLU A 87 19.27 -3.10 -1.97
C GLU A 87 19.96 -4.36 -1.45
N VAL A 88 19.61 -4.78 -0.24
CA VAL A 88 20.07 -6.07 0.29
C VAL A 88 19.64 -7.21 -0.65
N TYR A 89 18.36 -7.22 -1.02
CA TYR A 89 17.86 -8.24 -1.92
C TYR A 89 18.58 -8.17 -3.27
N ALA A 90 18.78 -6.96 -3.78
CA ALA A 90 19.37 -6.80 -5.12
C ALA A 90 20.78 -7.33 -5.19
N GLU A 91 21.48 -7.26 -4.06
CA GLU A 91 22.89 -7.64 -4.00
C GLU A 91 23.06 -9.11 -3.60
N ASN A 92 21.94 -9.80 -3.41
CA ASN A 92 21.97 -11.16 -2.88
C ASN A 92 20.98 -12.07 -3.59
N GLY A 93 20.68 -11.72 -4.84
CA GLY A 93 19.95 -12.62 -5.73
C GLY A 93 18.48 -12.83 -5.41
N ILE A 94 17.86 -11.83 -4.78
CA ILE A 94 16.47 -11.96 -4.37
C ILE A 94 15.56 -10.95 -5.09
N LEU A 95 14.50 -11.44 -5.71
CA LEU A 95 13.50 -10.59 -6.35
C LEU A 95 12.46 -10.12 -5.34
N GLU A 96 12.20 -8.81 -5.29
CA GLU A 96 11.23 -8.24 -4.37
C GLU A 96 10.05 -7.66 -5.13
N ILE A 97 8.86 -8.19 -4.87
CA ILE A 97 7.63 -7.60 -5.38
C ILE A 97 6.78 -7.04 -4.23
N THR A 98 6.70 -5.71 -4.14
CA THR A 98 5.91 -5.09 -3.09
C THR A 98 4.45 -4.96 -3.47
N PRO A 99 3.54 -5.28 -2.53
CA PRO A 99 2.11 -5.09 -2.81
C PRO A 99 1.58 -3.72 -2.38
N ALA A 100 2.42 -2.89 -1.76
CA ALA A 100 1.94 -1.69 -1.07
C ALA A 100 2.88 -0.49 -1.09
N ALA A 101 4.17 -0.69 -1.34
CA ALA A 101 5.11 0.43 -1.30
C ALA A 101 5.01 1.24 -2.59
N THR A 102 4.70 2.54 -2.44
CA THR A 102 4.29 3.38 -3.57
C THR A 102 5.25 4.51 -3.93
N ASN A 103 6.28 4.73 -3.11
CA ASN A 103 7.17 5.85 -3.42
C ASN A 103 7.91 5.59 -4.72
N PRO A 104 7.92 6.57 -5.65
CA PRO A 104 8.59 6.36 -6.94
C PRO A 104 10.01 5.82 -6.87
N VAL A 105 10.80 6.26 -5.89
CA VAL A 105 12.20 5.83 -5.79
C VAL A 105 12.39 4.30 -5.82
N PHE A 106 11.42 3.55 -5.28
CA PHE A 106 11.53 2.10 -5.23
C PHE A 106 11.85 1.46 -6.58
N THR A 107 11.29 2.00 -7.67
CA THR A 107 11.54 1.43 -9.01
C THR A 107 12.36 2.33 -9.91
N GLU A 108 12.98 3.36 -9.33
CA GLU A 108 13.70 4.36 -10.12
C GLU A 108 15.20 4.37 -9.86
N ARG A 109 15.73 3.25 -9.38
CA ARG A 109 17.15 3.14 -9.08
C ARG A 109 17.91 2.20 -10.00
N GLY A 110 17.24 1.64 -11.00
CA GLY A 110 17.88 0.75 -11.95
C GLY A 110 18.25 -0.61 -11.37
N LEU A 111 17.50 -1.02 -10.34
CA LEU A 111 17.71 -2.33 -9.73
C LEU A 111 16.93 -3.39 -10.49
N TRP A 112 17.58 -4.51 -10.73
CA TRP A 112 17.01 -5.58 -11.54
C TRP A 112 15.82 -6.26 -10.87
N ASN A 113 15.72 -6.09 -9.55
CA ASN A 113 14.91 -7.00 -8.74
C ASN A 113 13.61 -6.42 -8.21
N THR A 114 13.36 -5.14 -8.47
CA THR A 114 12.23 -4.42 -7.85
C THR A 114 10.96 -4.40 -8.69
N PHE A 115 9.86 -4.87 -8.11
CA PHE A 115 8.57 -4.90 -8.78
C PHE A 115 7.47 -4.48 -7.82
N ARG A 116 6.30 -4.11 -8.35
CA ARG A 116 5.14 -3.86 -7.49
C ARG A 116 3.87 -4.42 -8.09
N THR A 117 2.88 -4.67 -7.24
CA THR A 117 1.52 -4.85 -7.73
C THR A 117 0.65 -3.62 -7.43
N CYS A 118 1.24 -2.60 -6.79
CA CYS A 118 0.52 -1.37 -6.47
C CYS A 118 1.02 -0.22 -7.34
N GLY A 119 0.33 0.92 -7.24
CA GLY A 119 0.71 2.12 -7.97
C GLY A 119 1.86 2.86 -7.35
N ARG A 120 2.06 4.10 -7.81
CA ARG A 120 3.15 4.91 -7.32
C ARG A 120 2.68 6.34 -7.15
N ASP A 121 3.37 7.09 -6.30
CA ASP A 121 2.80 8.33 -5.77
C ASP A 121 2.85 9.54 -6.68
N ASP A 122 3.64 9.49 -7.74
CA ASP A 122 3.52 10.57 -8.72
C ASP A 122 2.17 10.44 -9.44
N GLN A 123 1.75 9.20 -9.69
CA GLN A 123 0.42 8.93 -10.23
C GLN A 123 -0.64 9.35 -9.23
N GLN A 124 -0.48 8.93 -7.98
CA GLN A 124 -1.49 9.16 -6.97
C GLN A 124 -1.67 10.66 -6.70
N GLY A 125 -0.54 11.36 -6.62
CA GLY A 125 -0.52 12.78 -6.32
C GLY A 125 -1.15 13.58 -7.45
N GLY A 126 -0.95 13.13 -8.68
CA GLY A 126 -1.60 13.75 -9.82
C GLY A 126 -3.11 13.68 -9.72
N ILE A 127 -3.61 12.51 -9.37
CA ILE A 127 -5.05 12.28 -9.24
C ILE A 127 -5.65 13.11 -8.12
N ALA A 128 -5.04 13.03 -6.93
CA ALA A 128 -5.51 13.76 -5.76
C ALA A 128 -5.45 15.28 -5.96
N GLY A 129 -4.37 15.77 -6.55
CA GLY A 129 -4.22 17.20 -6.75
C GLY A 129 -5.31 17.74 -7.66
N LYS A 130 -5.60 17.00 -8.72
CA LYS A 130 -6.66 17.40 -9.62
C LYS A 130 -8.01 17.38 -8.91
N TYR A 131 -8.23 16.36 -8.08
CA TYR A 131 -9.48 16.26 -7.32
C TYR A 131 -9.67 17.48 -6.42
N LEU A 132 -8.61 17.90 -5.74
CA LEU A 132 -8.68 19.05 -4.86
C LEU A 132 -9.16 20.28 -5.63
N ALA A 133 -8.61 20.47 -6.82
CA ALA A 133 -8.95 21.62 -7.65
C ALA A 133 -10.35 21.51 -8.25
N ASP A 134 -10.73 20.30 -8.65
CA ASP A 134 -12.04 20.08 -9.26
C ASP A 134 -13.18 20.23 -8.27
N HIS A 135 -12.95 19.86 -7.01
CA HIS A 135 -14.03 19.82 -6.02
C HIS A 135 -13.94 20.84 -4.88
N PHE A 136 -12.75 21.37 -4.64
CA PHE A 136 -12.53 22.29 -3.53
C PHE A 136 -11.72 23.52 -3.96
N LYS A 137 -12.01 24.00 -5.18
CA LYS A 137 -11.23 25.05 -5.80
C LYS A 137 -11.00 26.26 -4.92
N ASP A 138 -11.99 26.59 -4.09
CA ASP A 138 -11.93 27.80 -3.27
C ASP A 138 -11.62 27.53 -1.81
N ALA A 139 -11.36 26.27 -1.48
CA ALA A 139 -11.13 25.87 -0.10
C ALA A 139 -9.79 26.35 0.41
N LYS A 140 -9.71 26.61 1.71
CA LYS A 140 -8.42 26.80 2.36
C LYS A 140 -7.91 25.42 2.74
N VAL A 141 -6.78 25.03 2.13
CA VAL A 141 -6.27 23.66 2.28
C VAL A 141 -4.99 23.64 3.10
N ALA A 142 -4.92 22.71 4.05
CA ALA A 142 -3.68 22.44 4.75
C ALA A 142 -3.10 21.12 4.23
N ILE A 143 -1.85 21.16 3.78
CA ILE A 143 -1.13 19.95 3.40
C ILE A 143 -0.22 19.54 4.54
N ILE A 144 -0.51 18.38 5.13
CA ILE A 144 0.21 17.88 6.29
C ILE A 144 0.78 16.52 5.95
N HIS A 145 2.02 16.23 6.37
CA HIS A 145 2.65 14.96 6.07
C HIS A 145 3.36 14.42 7.30
N ASP A 146 3.77 13.15 7.23
CA ASP A 146 4.35 12.46 8.38
C ASP A 146 5.88 12.36 8.37
N LYS A 147 6.51 13.18 7.53
CA LYS A 147 7.97 13.30 7.47
C LYS A 147 8.70 12.04 6.98
N THR A 148 7.96 11.08 6.42
CA THR A 148 8.57 9.87 5.89
C THR A 148 8.68 9.90 4.37
N PRO A 149 9.48 8.98 3.80
CA PRO A 149 9.57 8.94 2.34
C PRO A 149 8.20 8.83 1.67
N TYR A 150 7.35 7.93 2.16
CA TYR A 150 6.00 7.82 1.63
C TYR A 150 5.19 9.09 1.82
N GLY A 151 5.15 9.59 3.05
CA GLY A 151 4.18 10.60 3.42
C GLY A 151 4.47 11.94 2.78
N GLN A 152 5.72 12.36 2.91
CA GLN A 152 6.10 13.65 2.37
C GLN A 152 6.14 13.57 0.85
N GLY A 153 6.56 12.41 0.35
CA GLY A 153 6.57 12.20 -1.09
C GLY A 153 5.18 12.39 -1.68
N LEU A 154 4.18 11.75 -1.06
CA LEU A 154 2.81 11.86 -1.55
C LEU A 154 2.26 13.28 -1.41
N ALA A 155 2.45 13.87 -0.23
CA ALA A 155 2.04 15.25 -0.01
C ALA A 155 2.67 16.18 -1.05
N ASP A 156 3.92 15.95 -1.39
CA ASP A 156 4.62 16.82 -2.33
C ASP A 156 4.11 16.65 -3.76
N GLU A 157 3.84 15.41 -4.17
CA GLU A 157 3.28 15.17 -5.50
C GLU A 157 1.90 15.79 -5.60
N THR A 158 1.09 15.64 -4.56
CA THR A 158 -0.23 16.24 -4.53
C THR A 158 -0.16 17.78 -4.56
N LYS A 159 0.75 18.35 -3.77
CA LYS A 159 0.93 19.79 -3.75
C LYS A 159 1.21 20.29 -5.15
N LYS A 160 2.13 19.61 -5.84
CA LYS A 160 2.53 20.00 -7.18
C LYS A 160 1.33 19.99 -8.15
N ALA A 161 0.55 18.93 -8.12
CA ALA A 161 -0.63 18.84 -8.99
C ALA A 161 -1.69 19.86 -8.61
N ALA A 162 -1.94 20.00 -7.30
CA ALA A 162 -2.96 20.94 -6.84
C ALA A 162 -2.60 22.36 -7.23
N ASN A 163 -1.34 22.72 -7.01
CA ASN A 163 -0.85 24.07 -7.34
C ASN A 163 -1.04 24.37 -8.82
N ALA A 164 -0.71 23.40 -9.68
CA ALA A 164 -0.82 23.59 -11.12
C ALA A 164 -2.28 23.76 -11.57
N ALA A 165 -3.19 23.14 -10.84
CA ALA A 165 -4.61 23.23 -11.17
C ALA A 165 -5.29 24.38 -10.42
N GLY A 166 -4.49 25.23 -9.79
CA GLY A 166 -5.02 26.45 -9.21
C GLY A 166 -5.30 26.48 -7.72
N VAL A 167 -4.95 25.41 -7.01
CA VAL A 167 -5.11 25.42 -5.56
C VAL A 167 -3.80 25.71 -4.87
N THR A 168 -3.76 26.79 -4.11
CA THR A 168 -2.59 27.13 -3.31
C THR A 168 -2.91 26.92 -1.82
N GLU A 169 -2.20 25.99 -1.21
CA GLU A 169 -2.46 25.63 0.18
C GLU A 169 -2.08 26.80 1.10
N VAL A 170 -2.80 26.92 2.22
CA VAL A 170 -2.50 27.97 3.20
C VAL A 170 -1.50 27.49 4.24
N MET A 171 -1.35 26.16 4.36
CA MET A 171 -0.40 25.57 5.30
C MET A 171 0.29 24.37 4.68
N TYR A 172 1.55 24.17 5.03
CA TYR A 172 2.30 22.98 4.66
C TYR A 172 3.18 22.65 5.86
N GLU A 173 2.93 21.51 6.48
CA GLU A 173 3.57 21.18 7.75
C GLU A 173 3.85 19.69 7.85
N GLY A 174 4.94 19.36 8.52
CA GLY A 174 5.26 17.97 8.82
C GLY A 174 5.03 17.64 10.28
N VAL A 175 4.61 16.41 10.56
CA VAL A 175 4.52 15.89 11.91
C VAL A 175 5.33 14.60 11.98
N ASN A 176 5.74 14.21 13.18
CA ASN A 176 6.49 12.98 13.38
C ASN A 176 5.59 11.76 13.58
N VAL A 177 5.90 10.65 12.91
CA VAL A 177 5.22 9.41 13.22
C VAL A 177 5.43 9.13 14.69
N GLY A 178 4.34 8.80 15.39
CA GLY A 178 4.41 8.54 16.82
C GLY A 178 3.90 9.67 17.68
N ASP A 179 3.90 10.89 17.15
CA ASP A 179 3.27 12.04 17.82
C ASP A 179 1.77 11.82 17.87
N LYS A 180 1.17 12.16 19.01
CA LYS A 180 -0.25 11.85 19.23
C LYS A 180 -1.09 13.06 19.62
N ASP A 181 -0.44 14.15 20.01
CA ASP A 181 -1.17 15.34 20.42
C ASP A 181 -1.10 16.36 19.29
N PHE A 182 -2.21 16.52 18.57
CA PHE A 182 -2.25 17.42 17.43
C PHE A 182 -3.03 18.69 17.74
N SER A 183 -3.21 19.00 19.02
CA SER A 183 -4.01 20.16 19.42
C SER A 183 -3.50 21.46 18.81
N ALA A 184 -2.18 21.68 18.89
CA ALA A 184 -1.61 22.92 18.40
C ALA A 184 -1.76 23.05 16.89
N LEU A 185 -1.50 21.97 16.16
CA LEU A 185 -1.63 22.00 14.71
C LEU A 185 -3.08 22.26 14.31
N ILE A 186 -4.00 21.58 14.97
CA ILE A 186 -5.42 21.75 14.72
C ILE A 186 -5.87 23.17 15.03
N SER A 187 -5.38 23.73 16.13
CA SER A 187 -5.72 25.11 16.48
C SER A 187 -5.18 26.07 15.44
N LYS A 188 -4.00 25.77 14.90
CA LYS A 188 -3.41 26.58 13.86
C LYS A 188 -4.23 26.51 12.58
N MET A 189 -4.69 25.31 12.23
CA MET A 189 -5.55 25.15 11.06
C MET A 189 -6.87 25.90 11.23
N LYS A 190 -7.44 25.86 12.43
CA LYS A 190 -8.68 26.59 12.71
C LYS A 190 -8.49 28.08 12.53
N GLU A 191 -7.42 28.60 13.13
CA GLU A 191 -7.07 30.02 13.00
C GLU A 191 -6.94 30.42 11.54
N ALA A 192 -6.46 29.51 10.70
CA ALA A 192 -6.19 29.80 9.30
C ALA A 192 -7.42 29.55 8.44
N GLY A 193 -8.51 29.12 9.07
CA GLY A 193 -9.77 28.89 8.37
C GLY A 193 -9.75 27.67 7.47
N VAL A 194 -8.87 26.72 7.77
CA VAL A 194 -8.76 25.51 6.96
C VAL A 194 -10.05 24.70 6.93
N SER A 195 -10.47 24.27 5.75
CA SER A 195 -11.64 23.40 5.63
C SER A 195 -11.30 22.04 4.99
N ILE A 196 -10.10 21.92 4.44
CA ILE A 196 -9.62 20.66 3.85
C ILE A 196 -8.22 20.36 4.39
N ILE A 197 -8.05 19.15 4.92
CA ILE A 197 -6.74 18.69 5.36
C ILE A 197 -6.30 17.59 4.40
N TYR A 198 -5.25 17.84 3.63
CA TYR A 198 -4.66 16.77 2.85
C TYR A 198 -3.54 16.12 3.64
N TRP A 199 -3.67 14.82 3.85
CA TRP A 199 -2.77 14.08 4.72
C TRP A 199 -1.88 13.11 3.95
N GLY A 200 -0.59 13.34 4.00
CA GLY A 200 0.38 12.43 3.43
C GLY A 200 0.94 11.51 4.51
N GLY A 201 0.36 10.33 4.63
CA GLY A 201 0.80 9.39 5.65
C GLY A 201 -0.20 8.28 5.84
N LEU A 202 -0.13 7.64 7.02
CA LEU A 202 -0.84 6.38 7.28
C LEU A 202 -2.04 6.58 8.20
N HIS A 203 -2.73 5.50 8.53
CA HIS A 203 -4.00 5.62 9.23
C HIS A 203 -3.87 6.06 10.68
N THR A 204 -2.75 5.76 11.33
CA THR A 204 -2.70 6.06 12.77
C THR A 204 -2.84 7.56 13.00
N GLU A 205 -1.93 8.33 12.42
CA GLU A 205 -1.96 9.77 12.57
C GLU A 205 -3.22 10.38 11.92
N ALA A 206 -3.67 9.83 10.80
CA ALA A 206 -4.88 10.33 10.16
C ALA A 206 -6.06 10.21 11.12
N GLY A 207 -6.16 9.06 11.77
CA GLY A 207 -7.27 8.78 12.68
C GLY A 207 -7.26 9.72 13.88
N LEU A 208 -6.06 9.95 14.41
CA LEU A 208 -5.89 10.85 15.55
C LEU A 208 -6.28 12.28 15.18
N ILE A 209 -5.86 12.71 13.98
CA ILE A 209 -6.19 14.05 13.51
C ILE A 209 -7.69 14.22 13.29
N ILE A 210 -8.33 13.26 12.64
CA ILE A 210 -9.77 13.30 12.40
C ILE A 210 -10.57 13.39 13.71
N ARG A 211 -10.22 12.53 14.66
CA ARG A 211 -10.89 12.51 15.96
C ARG A 211 -10.71 13.80 16.72
N GLN A 212 -9.47 14.26 16.81
CA GLN A 212 -9.17 15.46 17.55
C GLN A 212 -9.74 16.72 16.88
N ALA A 213 -9.73 16.79 15.56
CA ALA A 213 -10.32 17.94 14.89
C ALA A 213 -11.80 18.07 15.24
N ALA A 214 -12.52 16.95 15.21
CA ALA A 214 -13.95 17.00 15.53
C ALA A 214 -14.18 17.43 16.98
N ASP A 215 -13.30 16.98 17.88
CA ASP A 215 -13.42 17.32 19.29
C ASP A 215 -13.11 18.79 19.54
N GLN A 216 -12.13 19.32 18.83
CA GLN A 216 -11.69 20.71 19.01
C GLN A 216 -12.47 21.73 18.18
N GLY A 217 -13.43 21.27 17.38
CA GLY A 217 -14.29 22.17 16.63
C GLY A 217 -13.72 22.68 15.32
N LEU A 218 -12.81 21.94 14.72
CA LEU A 218 -12.29 22.31 13.41
C LEU A 218 -13.14 21.59 12.39
N LYS A 219 -13.97 22.33 11.65
CA LYS A 219 -14.74 21.72 10.58
C LYS A 219 -13.87 21.62 9.34
N ALA A 220 -13.21 20.48 9.21
CA ALA A 220 -12.40 20.22 8.04
C ALA A 220 -12.57 18.77 7.64
N LYS A 221 -12.55 18.52 6.33
CA LYS A 221 -12.63 17.19 5.79
C LYS A 221 -11.22 16.71 5.50
N LEU A 222 -10.89 15.50 5.93
CA LEU A 222 -9.57 14.96 5.67
C LEU A 222 -9.56 14.16 4.38
N VAL A 223 -8.57 14.44 3.54
CA VAL A 223 -8.38 13.76 2.27
C VAL A 223 -6.99 13.15 2.32
N SER A 224 -6.91 11.85 2.06
CA SER A 224 -5.61 11.21 2.11
C SER A 224 -5.44 10.25 0.95
N GLY A 225 -4.54 9.30 1.13
CA GLY A 225 -4.22 8.35 0.08
C GLY A 225 -4.37 6.89 0.48
N ASP A 226 -3.60 6.05 -0.21
CA ASP A 226 -3.68 4.60 -0.07
C ASP A 226 -3.00 4.07 1.21
N GLY A 227 -2.63 4.98 2.10
CA GLY A 227 -2.11 4.58 3.41
C GLY A 227 -3.14 4.48 4.52
N ILE A 228 -4.41 4.80 4.23
CA ILE A 228 -5.43 4.81 5.29
C ILE A 228 -6.50 3.72 5.11
N VAL A 229 -6.27 2.80 4.18
CA VAL A 229 -7.25 1.78 3.85
C VAL A 229 -7.26 0.58 4.81
N SER A 230 -7.72 0.82 6.03
CA SER A 230 -7.89 -0.22 7.02
C SER A 230 -9.04 0.15 7.96
N ASN A 231 -9.80 -0.86 8.37
CA ASN A 231 -10.82 -0.69 9.38
C ASN A 231 -10.27 0.03 10.61
N GLU A 232 -8.99 -0.15 10.89
CA GLU A 232 -8.40 0.48 12.05
C GLU A 232 -8.50 2.02 12.00
N LEU A 233 -8.58 2.60 10.81
CA LEU A 233 -8.83 4.05 10.72
C LEU A 233 -10.11 4.43 11.45
N ALA A 234 -11.19 3.70 11.18
CA ALA A 234 -12.48 3.94 11.84
C ALA A 234 -12.43 3.69 13.34
N SER A 235 -11.69 2.68 13.76
CA SER A 235 -11.62 2.36 15.18
CA SER A 235 -11.61 2.34 15.18
C SER A 235 -10.92 3.46 15.98
N ILE A 236 -9.94 4.11 15.36
CA ILE A 236 -9.25 5.23 16.00
C ILE A 236 -10.10 6.50 15.90
N ALA A 237 -10.62 6.77 14.70
CA ALA A 237 -11.33 8.03 14.41
C ALA A 237 -12.72 8.10 15.03
N GLY A 238 -13.39 6.96 15.13
CA GLY A 238 -14.78 6.94 15.52
C GLY A 238 -15.66 7.44 14.38
N ASP A 239 -16.89 7.81 14.71
CA ASP A 239 -17.86 8.20 13.68
C ASP A 239 -17.43 9.45 12.93
N ALA A 240 -16.48 10.18 13.50
CA ALA A 240 -15.95 11.37 12.84
C ALA A 240 -15.28 11.04 11.51
N VAL A 241 -14.98 9.75 11.30
CA VAL A 241 -14.36 9.32 10.07
C VAL A 241 -15.29 9.58 8.86
N GLU A 242 -16.59 9.65 9.10
CA GLU A 242 -17.54 9.81 7.99
C GLU A 242 -17.22 11.02 7.09
N GLY A 243 -17.17 10.78 5.78
CA GLY A 243 -16.90 11.84 4.83
C GLY A 243 -15.44 12.02 4.45
N THR A 244 -14.55 11.33 5.16
CA THR A 244 -13.14 11.29 4.82
C THR A 244 -13.00 10.78 3.39
N LEU A 245 -12.04 11.32 2.65
CA LEU A 245 -11.77 10.87 1.29
C LEU A 245 -10.37 10.31 1.16
N ASN A 246 -10.19 9.37 0.24
CA ASN A 246 -8.84 8.89 -0.07
C ASN A 246 -8.74 8.20 -1.41
N THR A 247 -7.56 8.29 -2.01
CA THR A 247 -7.27 7.58 -3.24
C THR A 247 -6.81 6.15 -2.95
N PHE A 248 -7.10 5.25 -3.89
CA PHE A 248 -6.72 3.84 -3.80
C PHE A 248 -7.07 3.28 -5.17
N GLY A 249 -6.50 2.14 -5.55
CA GLY A 249 -6.93 1.47 -6.76
C GLY A 249 -8.34 0.92 -6.58
N PRO A 250 -8.96 0.47 -7.69
CA PRO A 250 -10.26 -0.18 -7.63
C PRO A 250 -10.21 -1.33 -6.63
N ASP A 251 -11.26 -1.49 -5.83
CA ASP A 251 -11.29 -2.46 -4.74
C ASP A 251 -11.31 -3.90 -5.27
N PRO A 252 -10.21 -4.66 -5.09
CA PRO A 252 -10.21 -5.99 -5.72
C PRO A 252 -11.19 -6.97 -5.08
N THR A 253 -11.65 -6.69 -3.86
CA THR A 253 -12.63 -7.57 -3.24
C THR A 253 -13.98 -7.52 -3.97
N LEU A 254 -14.17 -6.50 -4.80
CA LEU A 254 -15.42 -6.35 -5.54
C LEU A 254 -15.39 -6.96 -6.93
N ARG A 255 -14.23 -7.43 -7.36
CA ARG A 255 -14.12 -8.07 -8.66
C ARG A 255 -14.88 -9.39 -8.65
N PRO A 256 -15.71 -9.64 -9.67
CA PRO A 256 -16.56 -10.84 -9.65
C PRO A 256 -15.75 -12.14 -9.62
N GLU A 257 -14.59 -12.17 -10.26
CA GLU A 257 -13.79 -13.39 -10.28
C GLU A 257 -13.24 -13.72 -8.90
N ASN A 258 -13.26 -12.76 -7.99
CA ASN A 258 -12.71 -12.98 -6.66
C ASN A 258 -13.79 -13.38 -5.64
N LYS A 259 -15.01 -13.65 -6.11
CA LYS A 259 -16.13 -13.86 -5.18
C LYS A 259 -15.86 -15.02 -4.23
N GLU A 260 -15.46 -16.15 -4.81
CA GLU A 260 -15.20 -17.35 -4.03
C GLU A 260 -14.01 -17.17 -3.10
N LEU A 261 -12.95 -16.54 -3.61
CA LEU A 261 -11.75 -16.30 -2.83
C LEU A 261 -12.00 -15.44 -1.59
N VAL A 262 -12.77 -14.36 -1.75
CA VAL A 262 -13.14 -13.50 -0.63
C VAL A 262 -13.98 -14.28 0.40
N GLU A 263 -14.94 -15.07 -0.06
CA GLU A 263 -15.72 -15.93 0.84
C GLU A 263 -14.84 -16.92 1.63
N LYS A 264 -13.79 -17.43 0.98
CA LYS A 264 -12.87 -18.38 1.61
C LYS A 264 -12.10 -17.71 2.75
N PHE A 265 -11.59 -16.52 2.49
CA PHE A 265 -10.90 -15.76 3.53
C PHE A 265 -11.80 -15.59 4.75
N LYS A 266 -13.05 -15.21 4.53
CA LYS A 266 -13.95 -14.96 5.65
C LYS A 266 -14.30 -16.24 6.41
N ALA A 267 -14.41 -17.34 5.68
CA ALA A 267 -14.62 -18.64 6.30
C ALA A 267 -13.41 -19.05 7.14
N ALA A 268 -12.30 -18.33 6.96
CA ALA A 268 -11.08 -18.59 7.72
C ALA A 268 -10.92 -17.55 8.81
N GLY A 269 -11.88 -16.64 8.91
CA GLY A 269 -11.90 -15.65 9.96
C GLY A 269 -11.13 -14.37 9.65
N PHE A 270 -10.91 -14.09 8.37
CA PHE A 270 -10.17 -12.88 8.01
C PHE A 270 -10.94 -12.06 7.00
N ASN A 271 -10.99 -10.75 7.21
CA ASN A 271 -11.61 -9.86 6.23
C ASN A 271 -10.53 -9.39 5.27
N PRO A 272 -10.56 -9.89 4.02
CA PRO A 272 -9.42 -9.68 3.12
C PRO A 272 -9.41 -8.32 2.42
N GLU A 273 -9.48 -7.25 3.20
CA GLU A 273 -9.58 -5.90 2.64
C GLU A 273 -8.26 -5.36 2.12
N ALA A 274 -8.37 -4.34 1.28
CA ALA A 274 -7.26 -3.51 0.84
C ALA A 274 -6.11 -4.32 0.20
N TYR A 275 -4.97 -4.38 0.89
CA TYR A 275 -3.79 -5.00 0.27
C TYR A 275 -3.78 -6.52 0.30
N THR A 276 -4.79 -7.14 0.89
CA THR A 276 -4.79 -8.60 0.98
C THR A 276 -4.62 -9.21 -0.41
N LEU A 277 -5.45 -8.77 -1.35
CA LEU A 277 -5.44 -9.33 -2.69
C LEU A 277 -4.32 -8.77 -3.55
N TYR A 278 -3.74 -7.64 -3.16
CA TYR A 278 -2.51 -7.16 -3.81
C TYR A 278 -1.34 -8.07 -3.49
N SER A 279 -1.34 -8.60 -2.27
CA SER A 279 -0.32 -9.55 -1.85
C SER A 279 -0.52 -10.90 -2.47
N TYR A 280 -1.77 -11.36 -2.51
CA TYR A 280 -2.15 -12.58 -3.22
C TYR A 280 -1.67 -12.49 -4.67
N ALA A 281 -1.93 -11.35 -5.32
CA ALA A 281 -1.53 -11.12 -6.72
C ALA A 281 -0.03 -11.10 -6.92
N ALA A 282 0.72 -10.59 -5.93
CA ALA A 282 2.17 -10.61 -6.03
C ALA A 282 2.66 -12.05 -6.11
N MET A 283 2.09 -12.93 -5.30
CA MET A 283 2.43 -14.36 -5.35
C MET A 283 2.11 -14.96 -6.71
N GLN A 284 0.92 -14.64 -7.22
CA GLN A 284 0.50 -15.12 -8.52
C GLN A 284 1.43 -14.64 -9.62
N ALA A 285 1.93 -13.41 -9.52
CA ALA A 285 2.84 -12.88 -10.54
C ALA A 285 4.13 -13.69 -10.58
N ILE A 286 4.67 -13.97 -9.40
CA ILE A 286 5.88 -14.77 -9.31
C ILE A 286 5.66 -16.13 -9.95
N ALA A 287 4.55 -16.78 -9.61
CA ALA A 287 4.23 -18.09 -10.17
C ALA A 287 4.05 -18.04 -11.69
N GLY A 288 3.33 -17.04 -12.18
CA GLY A 288 3.11 -16.90 -13.60
C GLY A 288 4.40 -16.66 -14.38
N ALA A 289 5.26 -15.79 -13.85
CA ALA A 289 6.50 -15.49 -14.54
C ALA A 289 7.47 -16.66 -14.53
N ALA A 290 7.52 -17.42 -13.43
CA ALA A 290 8.36 -18.60 -13.37
C ALA A 290 7.87 -19.63 -14.40
N LYS A 291 6.55 -19.73 -14.54
CA LYS A 291 5.98 -20.64 -15.53
C LYS A 291 6.41 -20.26 -16.96
N ALA A 292 6.41 -18.96 -17.23
CA ALA A 292 6.78 -18.43 -18.55
C ALA A 292 8.27 -18.56 -18.81
N ALA A 293 9.05 -18.41 -17.75
CA ALA A 293 10.52 -18.42 -17.85
C ALA A 293 11.07 -19.83 -17.92
N GLY A 294 10.26 -20.81 -17.51
CA GLY A 294 10.74 -22.17 -17.35
C GLY A 294 11.83 -22.26 -16.29
N SER A 295 11.75 -21.40 -15.28
CA SER A 295 12.83 -21.28 -14.29
C SER A 295 12.30 -20.63 -13.04
N VAL A 296 12.84 -21.02 -11.89
CA VAL A 296 12.56 -20.31 -10.66
C VAL A 296 13.73 -19.46 -10.19
N GLU A 297 14.73 -19.28 -11.05
CA GLU A 297 15.86 -18.42 -10.72
C GLU A 297 15.34 -16.99 -10.73
N PRO A 298 15.55 -16.24 -9.63
CA PRO A 298 14.96 -14.90 -9.53
C PRO A 298 15.30 -13.97 -10.70
N GLU A 299 16.54 -14.01 -11.20
CA GLU A 299 16.94 -13.15 -12.30
C GLU A 299 16.15 -13.49 -13.59
N LYS A 300 15.86 -14.77 -13.78
CA LYS A 300 15.09 -15.22 -14.94
C LYS A 300 13.60 -14.91 -14.78
N VAL A 301 13.09 -15.01 -13.55
CA VAL A 301 11.71 -14.61 -13.29
C VAL A 301 11.56 -13.10 -13.52
N ALA A 302 12.55 -12.32 -13.09
CA ALA A 302 12.52 -10.88 -13.34
C ALA A 302 12.40 -10.54 -14.84
N GLU A 303 13.19 -11.23 -15.65
CA GLU A 303 13.14 -11.01 -17.09
C GLU A 303 11.76 -11.38 -17.65
N ALA A 304 11.24 -12.53 -17.22
CA ALA A 304 9.92 -12.96 -17.65
C ALA A 304 8.82 -11.97 -17.24
N LEU A 305 8.90 -11.41 -16.05
CA LEU A 305 7.88 -10.45 -15.61
C LEU A 305 7.82 -9.24 -16.51
N LYS A 306 8.97 -8.84 -17.04
CA LYS A 306 9.04 -7.65 -17.87
C LYS A 306 8.60 -7.92 -19.31
N LYS A 307 8.35 -9.18 -19.62
CA LYS A 307 8.01 -9.56 -20.98
C LYS A 307 6.53 -9.91 -21.15
N GLY A 308 5.96 -10.63 -20.18
CA GLY A 308 4.66 -11.25 -20.40
C GLY A 308 3.47 -10.69 -19.65
N SER A 309 2.33 -11.39 -19.74
CA SER A 309 1.15 -11.04 -18.97
CA SER A 309 1.12 -11.04 -19.00
C SER A 309 0.71 -12.24 -18.15
N PHE A 310 0.13 -11.99 -16.98
CA PHE A 310 -0.18 -13.09 -16.07
C PHE A 310 -1.50 -12.85 -15.36
N PRO A 311 -2.28 -13.92 -15.19
CA PRO A 311 -3.57 -13.76 -14.52
C PRO A 311 -3.37 -13.53 -13.02
N THR A 312 -4.06 -12.55 -12.43
CA THR A 312 -4.03 -12.34 -10.98
C THR A 312 -5.38 -11.89 -10.44
N ALA A 313 -5.47 -11.84 -9.11
CA ALA A 313 -6.64 -11.32 -8.41
C ALA A 313 -6.90 -9.84 -8.65
N LEU A 314 -5.92 -9.14 -9.23
CA LEU A 314 -6.10 -7.75 -9.60
C LEU A 314 -6.50 -7.60 -11.06
N GLY A 315 -6.58 -8.72 -11.76
CA GLY A 315 -6.76 -8.72 -13.20
C GLY A 315 -5.46 -9.11 -13.88
N GLU A 316 -5.48 -9.17 -15.20
CA GLU A 316 -4.26 -9.52 -15.93
C GLU A 316 -3.18 -8.47 -15.74
N ILE A 317 -2.00 -8.92 -15.30
CA ILE A 317 -0.93 -8.02 -14.92
C ILE A 317 0.23 -8.13 -15.91
N SER A 318 0.91 -7.01 -16.11
CA SER A 318 2.14 -6.95 -16.89
C SER A 318 2.96 -5.82 -16.30
N PHE A 319 4.22 -5.70 -16.70
CA PHE A 319 5.15 -4.79 -16.04
C PHE A 319 5.97 -3.99 -17.04
N ASP A 320 6.22 -2.72 -16.74
CA ASP A 320 7.17 -1.98 -17.56
C ASP A 320 8.61 -2.30 -17.21
N GLU A 321 9.55 -1.64 -17.89
CA GLU A 321 10.96 -1.96 -17.75
C GLU A 321 11.51 -1.60 -16.36
N LYS A 322 10.78 -0.79 -15.61
CA LYS A 322 11.18 -0.40 -14.26
C LYS A 322 10.62 -1.33 -13.18
N GLY A 323 9.66 -2.17 -13.58
CA GLY A 323 9.04 -3.10 -12.66
C GLY A 323 7.69 -2.62 -12.13
N ASP A 324 7.20 -1.50 -12.64
CA ASP A 324 5.89 -1.01 -12.23
C ASP A 324 4.81 -1.74 -13.02
N PRO A 325 3.70 -2.09 -12.36
CA PRO A 325 2.64 -2.84 -13.03
C PRO A 325 1.76 -1.94 -13.89
N LYS A 326 1.20 -2.52 -14.95
CA LYS A 326 0.24 -1.86 -15.81
C LYS A 326 -1.15 -2.33 -15.38
N LEU A 327 -1.76 -1.56 -14.49
CA LEU A 327 -3.05 -1.92 -13.90
CA LEU A 327 -3.06 -1.92 -13.93
C LEU A 327 -3.97 -0.70 -13.82
N PRO A 328 -5.25 -0.92 -13.50
CA PRO A 328 -6.16 0.21 -13.31
C PRO A 328 -5.58 1.25 -12.34
N GLY A 329 -5.79 2.52 -12.65
CA GLY A 329 -5.21 3.58 -11.86
C GLY A 329 -6.00 3.94 -10.62
N TYR A 330 -5.53 4.96 -9.90
CA TYR A 330 -6.16 5.43 -8.68
C TYR A 330 -7.54 6.06 -8.89
N VAL A 331 -8.45 5.77 -7.95
CA VAL A 331 -9.77 6.41 -7.90
C VAL A 331 -10.03 6.96 -6.50
N MET A 332 -11.02 7.83 -6.37
CA MET A 332 -11.31 8.44 -5.07
C MET A 332 -12.40 7.72 -4.30
N TYR A 333 -12.14 7.44 -3.04
CA TYR A 333 -13.08 6.78 -2.15
C TYR A 333 -13.61 7.76 -1.09
N GLU A 334 -14.80 7.48 -0.60
CA GLU A 334 -15.36 8.22 0.52
C GLU A 334 -15.73 7.25 1.66
N TRP A 335 -15.51 7.69 2.90
CA TRP A 335 -15.81 6.85 4.05
C TRP A 335 -17.26 7.00 4.47
N LYS A 336 -17.99 5.89 4.40
CA LYS A 336 -19.41 5.84 4.73
C LYS A 336 -19.68 4.47 5.34
N LYS A 337 -20.86 4.28 5.92
CA LYS A 337 -21.23 2.98 6.46
C LYS A 337 -21.49 1.99 5.33
N GLY A 338 -20.79 0.86 5.37
CA GLY A 338 -20.96 -0.17 4.36
C GLY A 338 -22.20 -0.98 4.64
N PRO A 339 -22.46 -2.01 3.83
CA PRO A 339 -23.64 -2.86 4.02
C PRO A 339 -23.62 -3.60 5.38
N ASP A 340 -22.44 -3.79 5.95
CA ASP A 340 -22.30 -4.47 7.23
C ASP A 340 -22.35 -3.52 8.44
N GLY A 341 -22.70 -2.26 8.19
CA GLY A 341 -22.88 -1.30 9.28
C GLY A 341 -21.62 -0.62 9.80
N LYS A 342 -20.46 -0.98 9.26
CA LYS A 342 -19.21 -0.35 9.68
C LYS A 342 -18.76 0.68 8.66
N PHE A 343 -18.11 1.74 9.15
CA PHE A 343 -17.52 2.75 8.26
C PHE A 343 -16.35 2.14 7.49
N THR A 344 -16.34 2.35 6.18
CA THR A 344 -15.27 1.85 5.33
C THR A 344 -15.16 2.77 4.11
N TYR A 345 -14.15 2.55 3.28
CA TYR A 345 -13.95 3.33 2.05
C TYR A 345 -14.76 2.75 0.90
N ILE A 346 -15.57 3.60 0.27
CA ILE A 346 -16.44 3.17 -0.82
C ILE A 346 -16.16 4.06 -2.03
N GLN A 347 -15.91 3.47 -3.20
CA GLN A 347 -15.51 4.25 -4.36
C GLN A 347 -16.60 5.24 -4.73
N GLN A 348 -16.21 6.48 -5.01
CA GLN A 348 -17.16 7.48 -5.51
C GLN A 348 -17.41 7.28 -6.99
#